data_3V3T
#
_entry.id   3V3T
#
_cell.length_a   104.990
_cell.length_b   85.606
_cell.length_c   44.935
_cell.angle_alpha   90.000
_cell.angle_beta   93.870
_cell.angle_gamma   90.000
#
_symmetry.space_group_name_H-M   'C 1 2 1'
#
loop_
_entity.id
_entity.type
_entity.pdbx_description
1 polymer 'Cell division GTPase FtsZ, diverged'
2 water water
#
_entity_poly.entity_id   1
_entity_poly.type   'polypeptide(L)'
_entity_poly.pdbx_seq_one_letter_code
;PHMKNKIVFAPIGQGGGNIVDTLLGICGDYNALFINTSKKDLDSLKHAKHTYHIPYAEGCGKERKKAVGYAQTYYKQIIA
QIMEKFSSCDIVIFVATMAGGAGSGITPPILGLAKQMYPNKHFGFVGVLPKATEDIDEHMNAIACWNDIMRSTNEGKDIS
IYLLDNNKREKESDINKEFATLFNDFMNMSESHAEGVVDEDEISKLLTMKKSNVILEFDDKEDIQVALAKSLKESIFAEY
TTNTCEFMGISTTRVVDVEAIKSIVGYPRRTFKGYNSKKNIVVATGIEPQKTTVQMMNEIIEDKMKQRREVTSKSENMII
EPIALDDEDNKSVISSNEKEISIDNVEKEIDINDFFSKYM
;
_entity_poly.pdbx_strand_id   A
#
# COMPACT_ATOMS: atom_id res chain seq x y z
N MET A 3 -5.60 2.75 -15.04
CA MET A 3 -4.46 2.40 -15.88
C MET A 3 -3.11 2.63 -15.18
N LYS A 4 -2.16 1.76 -15.50
CA LYS A 4 -0.88 1.71 -14.81
C LYS A 4 -0.01 2.93 -15.08
N ASN A 5 -0.10 3.50 -16.29
CA ASN A 5 0.65 4.68 -16.67
C ASN A 5 0.29 5.95 -15.91
N LYS A 6 -0.89 5.96 -15.30
CA LYS A 6 -1.35 7.15 -14.57
C LYS A 6 -0.91 7.12 -13.11
N ILE A 7 -0.17 6.07 -12.75
CA ILE A 7 0.34 5.95 -11.41
C ILE A 7 1.82 6.21 -11.39
N VAL A 8 2.28 6.98 -10.41
CA VAL A 8 3.70 7.08 -10.13
C VAL A 8 3.95 6.72 -8.69
N PHE A 9 4.89 5.81 -8.47
CA PHE A 9 5.31 5.43 -7.13
C PHE A 9 6.48 6.27 -6.67
N ALA A 10 6.45 6.67 -5.42
CA ALA A 10 7.59 7.31 -4.81
C ALA A 10 8.03 6.52 -3.60
N PRO A 11 8.75 5.42 -3.84
CA PRO A 11 9.34 4.68 -2.71
C PRO A 11 10.39 5.56 -2.05
N ILE A 12 10.45 5.51 -0.73
CA ILE A 12 11.40 6.30 0.04
C ILE A 12 12.11 5.40 1.03
N GLY A 13 13.42 5.28 0.87
CA GLY A 13 14.20 4.39 1.70
C GLY A 13 14.38 3.00 1.11
N GLN A 14 15.11 2.15 1.80
CA GLN A 14 15.49 0.84 1.26
C GLN A 14 14.28 -0.09 1.05
N GLY A 15 13.51 -0.32 2.12
CA GLY A 15 12.39 -1.24 2.07
C GLY A 15 11.36 -0.89 1.00
N GLY A 16 10.94 0.37 0.99
CA GLY A 16 10.01 0.82 -0.03
C GLY A 16 10.55 0.64 -1.44
N GLY A 17 11.84 0.88 -1.61
CA GLY A 17 12.43 0.74 -2.92
C GLY A 17 12.35 -0.70 -3.39
N ASN A 18 12.60 -1.62 -2.46
CA ASN A 18 12.55 -3.04 -2.79
C ASN A 18 11.16 -3.47 -3.23
N ILE A 19 10.15 -2.86 -2.60
CA ILE A 19 8.77 -3.15 -2.94
C ILE A 19 8.44 -2.70 -4.35
N VAL A 20 8.82 -1.47 -4.68
CA VAL A 20 8.53 -0.94 -6.01
C VAL A 20 9.38 -1.60 -7.08
N ASP A 21 10.65 -1.87 -6.76
CA ASP A 21 11.53 -2.59 -7.65
C ASP A 21 10.94 -3.96 -7.98
N THR A 22 10.39 -4.63 -6.97
CA THR A 22 9.77 -5.94 -7.17
C THR A 22 8.54 -5.81 -8.08
N LEU A 23 7.67 -4.85 -7.79
CA LEU A 23 6.50 -4.61 -8.64
C LEU A 23 6.88 -4.40 -10.11
N LEU A 24 7.88 -3.55 -10.35
CA LEU A 24 8.28 -3.25 -11.72
C LEU A 24 8.83 -4.49 -12.46
N GLY A 25 9.37 -5.44 -11.69
CA GLY A 25 9.87 -6.68 -12.27
C GLY A 25 8.73 -7.57 -12.75
N ILE A 26 7.54 -7.38 -12.19
CA ILE A 26 6.36 -8.13 -12.59
C ILE A 26 5.67 -7.41 -13.74
N CYS A 27 5.71 -6.08 -13.71
CA CYS A 27 5.12 -5.25 -14.76
C CYS A 27 5.74 -3.87 -14.72
N GLY A 28 6.31 -3.43 -15.83
CA GLY A 28 7.01 -2.17 -15.88
C GLY A 28 6.19 -1.02 -16.42
N ASP A 29 4.89 -1.25 -16.53
CA ASP A 29 3.98 -0.24 -17.05
C ASP A 29 3.77 0.91 -16.06
N TYR A 30 4.17 0.71 -14.81
CA TYR A 30 4.08 1.77 -13.79
C TYR A 30 5.25 2.76 -13.90
N ASN A 31 5.05 3.96 -13.39
CA ASN A 31 6.12 4.94 -13.25
C ASN A 31 6.63 4.98 -11.81
N ALA A 32 7.88 5.39 -11.63
CA ALA A 32 8.49 5.35 -10.31
C ALA A 32 9.67 6.30 -10.23
N LEU A 33 9.78 6.98 -9.09
CA LEU A 33 10.96 7.77 -8.77
C LEU A 33 11.47 7.25 -7.43
N PHE A 34 12.57 6.53 -7.45
CA PHE A 34 13.08 5.98 -6.21
C PHE A 34 13.88 7.04 -5.46
N ILE A 35 13.51 7.25 -4.19
CA ILE A 35 14.11 8.30 -3.40
C ILE A 35 14.81 7.67 -2.23
N ASN A 36 16.04 8.12 -1.95
CA ASN A 36 16.82 7.52 -0.88
C ASN A 36 18.01 8.38 -0.43
N THR A 37 18.37 8.26 0.85
CA THR A 37 19.61 8.83 1.35
C THR A 37 20.82 7.97 0.95
N SER A 38 20.59 6.69 0.70
CA SER A 38 21.67 5.76 0.39
C SER A 38 21.88 5.57 -1.11
N LYS A 39 23.08 5.91 -1.60
CA LYS A 39 23.39 5.75 -3.01
C LYS A 39 23.55 4.26 -3.36
N LYS A 40 24.20 3.52 -2.48
CA LYS A 40 24.32 2.07 -2.64
C LYS A 40 22.97 1.43 -2.91
N ASP A 41 21.95 1.79 -2.11
CA ASP A 41 20.61 1.26 -2.30
C ASP A 41 20.03 1.58 -3.67
N LEU A 42 20.09 2.85 -4.06
CA LEU A 42 19.64 3.28 -5.39
C LEU A 42 20.40 2.53 -6.48
N ASP A 43 21.72 2.43 -6.33
CA ASP A 43 22.54 1.77 -7.33
C ASP A 43 22.24 0.29 -7.46
N SER A 44 21.69 -0.30 -6.40
CA SER A 44 21.46 -1.72 -6.37
C SER A 44 20.04 -2.11 -6.80
N LEU A 45 19.22 -1.11 -7.13
CA LEU A 45 17.91 -1.36 -7.73
C LEU A 45 18.08 -2.02 -9.11
N LYS A 46 17.22 -2.98 -9.42
CA LYS A 46 17.30 -3.67 -10.70
C LYS A 46 16.55 -2.93 -11.81
N HIS A 47 15.41 -2.33 -11.47
CA HIS A 47 14.48 -1.81 -12.49
C HIS A 47 14.18 -0.33 -12.33
N ALA A 48 15.13 0.44 -11.83
CA ALA A 48 14.88 1.85 -11.59
C ALA A 48 15.28 2.70 -12.78
N LYS A 49 14.29 3.28 -13.46
CA LYS A 49 14.57 4.21 -14.56
C LYS A 49 14.86 5.61 -14.02
N HIS A 50 14.29 5.94 -12.85
CA HIS A 50 14.48 7.26 -12.26
C HIS A 50 14.77 7.19 -10.76
N THR A 51 15.84 7.84 -10.34
CA THR A 51 16.23 7.87 -8.94
C THR A 51 16.53 9.28 -8.49
N TYR A 52 16.39 9.51 -7.19
CA TYR A 52 16.77 10.79 -6.60
C TYR A 52 17.50 10.54 -5.28
N HIS A 53 18.79 10.83 -5.29
CA HIS A 53 19.62 10.66 -4.10
C HIS A 53 19.55 11.92 -3.25
N ILE A 54 19.27 11.75 -1.97
CA ILE A 54 19.33 12.88 -1.05
C ILE A 54 20.74 13.07 -0.47
N PRO A 55 21.35 14.23 -0.75
CA PRO A 55 22.72 14.56 -0.30
C PRO A 55 22.96 14.23 1.18
N LYS A 62 18.21 3.80 9.19
CA LYS A 62 17.63 3.41 10.46
C LYS A 62 17.32 4.61 11.40
N GLU A 63 18.09 5.68 11.28
CA GLU A 63 17.91 6.85 12.12
C GLU A 63 17.03 7.92 11.47
N ARG A 64 15.77 8.01 11.90
CA ARG A 64 14.81 8.93 11.27
C ARG A 64 15.15 10.39 11.58
N LYS A 65 15.79 10.63 12.72
CA LYS A 65 16.23 11.98 13.08
C LYS A 65 17.23 12.51 12.06
N LYS A 66 18.09 11.62 11.57
CA LYS A 66 19.13 11.99 10.61
C LYS A 66 18.60 12.06 9.17
N ALA A 67 17.77 11.09 8.79
CA ALA A 67 17.09 11.11 7.51
C ALA A 67 16.41 12.47 7.31
N VAL A 68 15.58 12.83 8.28
CA VAL A 68 14.84 14.10 8.28
C VAL A 68 15.75 15.33 8.12
N GLY A 69 16.82 15.39 8.90
CA GLY A 69 17.72 16.53 8.88
C GLY A 69 18.35 16.84 7.53
N TYR A 70 18.72 15.79 6.80
CA TYR A 70 19.34 15.93 5.47
C TYR A 70 18.33 16.32 4.40
N ALA A 71 17.08 15.87 4.57
CA ALA A 71 16.08 15.99 3.52
C ALA A 71 15.22 17.24 3.60
N GLN A 72 15.11 17.83 4.78
CA GLN A 72 14.21 18.96 5.00
C GLN A 72 14.31 20.03 3.91
N THR A 73 15.52 20.52 3.67
CA THR A 73 15.72 21.55 2.67
C THR A 73 15.37 21.09 1.25
N TYR A 74 15.21 19.79 1.07
CA TYR A 74 15.01 19.20 -0.25
C TYR A 74 13.59 18.67 -0.53
N TYR A 75 12.68 18.80 0.43
CA TYR A 75 11.32 18.27 0.24
C TYR A 75 10.70 18.79 -1.05
N LYS A 76 10.93 20.06 -1.35
CA LYS A 76 10.33 20.70 -2.52
C LYS A 76 11.02 20.31 -3.82
N GLN A 77 12.34 20.11 -3.78
CA GLN A 77 13.03 19.57 -4.94
C GLN A 77 12.50 18.16 -5.21
N ILE A 78 12.35 17.37 -4.16
CA ILE A 78 11.88 16.01 -4.33
C ILE A 78 10.52 15.98 -5.01
N ILE A 79 9.59 16.76 -4.48
CA ILE A 79 8.25 16.84 -5.03
C ILE A 79 8.33 17.31 -6.48
N ALA A 80 9.20 18.26 -6.76
CA ALA A 80 9.40 18.76 -8.13
C ALA A 80 9.96 17.69 -9.09
N GLN A 81 10.85 16.83 -8.59
CA GLN A 81 11.33 15.73 -9.40
C GLN A 81 10.15 14.89 -9.88
N ILE A 82 9.29 14.52 -8.95
CA ILE A 82 8.12 13.71 -9.28
C ILE A 82 7.25 14.41 -10.31
N MET A 83 7.02 15.70 -10.09
CA MET A 83 6.09 16.45 -10.92
C MET A 83 6.68 16.85 -12.26
N GLU A 84 8.00 16.96 -12.33
CA GLU A 84 8.64 17.28 -13.61
C GLU A 84 8.39 16.13 -14.57
N LYS A 85 8.83 14.95 -14.16
CA LYS A 85 8.84 13.78 -15.02
C LYS A 85 7.45 13.16 -15.19
N PHE A 86 6.66 13.20 -14.12
CA PHE A 86 5.40 12.47 -14.08
C PHE A 86 4.22 13.36 -13.74
N SER A 87 4.19 14.56 -14.32
CA SER A 87 3.13 15.53 -14.09
C SER A 87 1.82 15.06 -14.69
N SER A 88 1.89 14.17 -15.67
CA SER A 88 0.71 13.58 -16.28
C SER A 88 0.05 12.50 -15.40
N CYS A 89 0.71 12.14 -14.29
CA CYS A 89 0.18 11.10 -13.39
C CYS A 89 -0.77 11.68 -12.36
N ASP A 90 -1.96 11.12 -12.28
CA ASP A 90 -3.00 11.63 -11.40
C ASP A 90 -2.97 10.97 -10.02
N ILE A 91 -2.24 9.86 -9.92
CA ILE A 91 -2.13 9.12 -8.68
C ILE A 91 -0.67 9.01 -8.28
N VAL A 92 -0.36 9.43 -7.06
CA VAL A 92 0.98 9.39 -6.53
C VAL A 92 0.98 8.53 -5.26
N ILE A 93 1.78 7.48 -5.26
CA ILE A 93 1.76 6.55 -4.14
C ILE A 93 3.13 6.43 -3.52
N PHE A 94 3.24 6.92 -2.29
CA PHE A 94 4.49 6.83 -1.57
C PHE A 94 4.52 5.44 -0.93
N VAL A 95 5.72 4.90 -0.80
CA VAL A 95 5.88 3.56 -0.28
C VAL A 95 7.04 3.55 0.69
N ALA A 96 6.80 3.06 1.90
CA ALA A 96 7.87 3.02 2.89
C ALA A 96 7.77 1.86 3.85
N THR A 97 8.94 1.36 4.25
CA THR A 97 9.04 0.47 5.39
C THR A 97 9.02 1.38 6.62
N MET A 98 8.00 1.24 7.44
CA MET A 98 7.74 2.19 8.50
C MET A 98 8.75 2.13 9.62
N ALA A 99 9.48 1.02 9.70
CA ALA A 99 10.54 0.91 10.69
C ALA A 99 11.85 1.57 10.22
N GLY A 100 11.91 1.94 8.94
CA GLY A 100 13.14 2.50 8.38
C GLY A 100 13.34 3.97 8.66
N GLY A 101 14.59 4.37 8.89
CA GLY A 101 14.96 5.76 9.15
C GLY A 101 14.39 6.75 8.14
N ALA A 102 14.78 6.62 6.88
CA ALA A 102 14.29 7.54 5.85
C ALA A 102 12.80 7.35 5.61
N GLY A 103 12.40 6.10 5.49
CA GLY A 103 11.01 5.77 5.21
C GLY A 103 10.07 6.31 6.26
N SER A 104 10.41 6.09 7.52
CA SER A 104 9.58 6.60 8.60
C SER A 104 9.64 8.13 8.73
N GLY A 105 10.82 8.72 8.54
CA GLY A 105 11.00 10.12 8.84
C GLY A 105 10.69 11.09 7.72
N ILE A 106 10.93 10.66 6.48
CA ILE A 106 10.82 11.55 5.33
C ILE A 106 9.47 11.43 4.63
N THR A 107 8.86 10.24 4.65
CA THR A 107 7.63 10.04 3.89
C THR A 107 6.46 10.91 4.35
N PRO A 108 6.22 11.00 5.67
CA PRO A 108 5.05 11.78 6.10
C PRO A 108 5.13 13.26 5.69
N PRO A 109 6.26 13.93 5.93
CA PRO A 109 6.27 15.33 5.51
C PRO A 109 6.10 15.48 4.01
N ILE A 110 6.83 14.70 3.22
CA ILE A 110 6.74 14.85 1.77
C ILE A 110 5.33 14.58 1.26
N LEU A 111 4.69 13.55 1.80
CA LEU A 111 3.30 13.26 1.45
C LEU A 111 2.37 14.39 1.91
N GLY A 112 2.51 14.85 3.15
CA GLY A 112 1.69 15.95 3.63
C GLY A 112 1.88 17.22 2.79
N LEU A 113 3.14 17.50 2.44
CA LEU A 113 3.46 18.68 1.68
C LEU A 113 2.96 18.60 0.23
N ALA A 114 3.09 17.43 -0.39
CA ALA A 114 2.61 17.22 -1.76
C ALA A 114 1.10 17.33 -1.84
N LYS A 115 0.41 16.73 -0.88
CA LYS A 115 -1.05 16.82 -0.84
C LYS A 115 -1.49 18.30 -0.83
N GLN A 116 -0.83 19.14 -0.03
CA GLN A 116 -1.22 20.54 0.02
C GLN A 116 -0.92 21.25 -1.30
N MET A 117 0.21 20.89 -1.92
CA MET A 117 0.65 21.59 -3.14
C MET A 117 -0.11 21.14 -4.37
N TYR A 118 -0.59 19.90 -4.37
CA TYR A 118 -1.32 19.38 -5.52
C TYR A 118 -2.65 18.76 -5.12
N PRO A 119 -3.60 19.62 -4.76
CA PRO A 119 -4.89 19.24 -4.17
C PRO A 119 -5.74 18.41 -5.15
N ASN A 120 -5.49 18.57 -6.44
CA ASN A 120 -6.24 17.84 -7.48
C ASN A 120 -5.71 16.45 -7.81
N LYS A 121 -4.50 16.13 -7.37
CA LYS A 121 -3.99 14.76 -7.51
C LYS A 121 -4.46 13.89 -6.36
N HIS A 122 -4.52 12.58 -6.60
CA HIS A 122 -4.82 11.63 -5.54
CA HIS A 122 -4.83 11.61 -5.55
C HIS A 122 -3.53 11.04 -4.97
N PHE A 123 -3.48 10.94 -3.65
CA PHE A 123 -2.29 10.41 -2.97
C PHE A 123 -2.58 9.16 -2.19
N GLY A 124 -1.64 8.24 -2.24
CA GLY A 124 -1.74 7.02 -1.47
C GLY A 124 -0.44 6.70 -0.77
N PHE A 125 -0.53 5.73 0.12
CA PHE A 125 0.60 5.35 0.96
C PHE A 125 0.58 3.85 1.14
N VAL A 126 1.69 3.21 0.76
CA VAL A 126 1.89 1.80 1.10
C VAL A 126 2.91 1.77 2.23
N GLY A 127 2.47 1.36 3.42
CA GLY A 127 3.40 1.19 4.53
C GLY A 127 3.50 -0.25 5.04
N VAL A 128 4.71 -0.66 5.38
CA VAL A 128 4.94 -1.97 5.97
C VAL A 128 5.21 -1.86 7.47
N LEU A 129 4.37 -2.50 8.27
CA LEU A 129 4.60 -2.59 9.71
C LEU A 129 5.66 -3.65 10.00
N PRO A 130 6.48 -3.43 11.04
CA PRO A 130 7.57 -4.35 11.38
C PRO A 130 7.08 -5.61 12.10
N LYS A 131 7.83 -6.71 11.99
CA LYS A 131 7.53 -7.92 12.77
C LYS A 131 7.59 -7.62 14.26
N ALA A 132 6.81 -8.37 15.04
CA ALA A 132 6.87 -8.34 16.51
C ALA A 132 8.27 -8.57 17.10
N THR A 133 9.11 -9.29 16.38
CA THR A 133 10.45 -9.60 16.89
C THR A 133 11.44 -8.45 16.74
N GLU A 134 11.10 -7.47 15.91
CA GLU A 134 11.99 -6.34 15.73
C GLU A 134 12.12 -5.62 17.07
N ASP A 135 13.11 -4.75 17.19
CA ASP A 135 13.38 -4.08 18.45
C ASP A 135 12.66 -2.74 18.63
N ILE A 136 12.96 -2.09 19.75
CA ILE A 136 12.28 -0.86 20.17
C ILE A 136 12.29 0.29 19.16
N ASP A 137 13.49 0.71 18.74
CA ASP A 137 13.60 1.81 17.79
C ASP A 137 12.79 1.58 16.52
N GLU A 138 12.76 0.33 16.09
N GLU A 138 12.74 0.33 16.06
CA GLU A 138 12.02 -0.05 14.90
CA GLU A 138 12.00 0.03 14.85
C GLU A 138 10.54 0.24 15.11
C GLU A 138 10.50 0.22 15.07
N HIS A 139 9.99 -0.29 16.19
CA HIS A 139 8.59 -0.06 16.52
C HIS A 139 8.33 1.43 16.76
N MET A 140 9.27 2.11 17.40
CA MET A 140 9.07 3.52 17.67
C MET A 140 8.99 4.31 16.37
N ASN A 141 9.82 3.97 15.39
CA ASN A 141 9.75 4.62 14.08
C ASN A 141 8.42 4.37 13.39
N ALA A 142 7.96 3.12 13.44
CA ALA A 142 6.72 2.74 12.76
C ALA A 142 5.52 3.48 13.36
N ILE A 143 5.48 3.54 14.68
CA ILE A 143 4.46 4.29 15.40
C ILE A 143 4.51 5.77 15.02
N ALA A 144 5.70 6.37 15.06
CA ALA A 144 5.85 7.79 14.73
C ALA A 144 5.48 8.03 13.28
N CYS A 145 5.81 7.08 12.43
CA CYS A 145 5.47 7.22 11.02
C CYS A 145 3.96 7.21 10.84
N TRP A 146 3.31 6.27 11.49
CA TRP A 146 1.88 6.19 11.42
C TRP A 146 1.22 7.47 11.97
N ASN A 147 1.63 7.87 13.15
CA ASN A 147 1.05 9.06 13.77
C ASN A 147 1.21 10.30 12.91
N ASP A 148 2.37 10.46 12.28
CA ASP A 148 2.63 11.66 11.49
C ASP A 148 1.76 11.65 10.24
N ILE A 149 1.57 10.46 9.66
CA ILE A 149 0.68 10.33 8.51
C ILE A 149 -0.78 10.63 8.90
N MET A 150 -1.23 10.07 10.02
CA MET A 150 -2.58 10.36 10.51
C MET A 150 -2.80 11.86 10.69
N ARG A 151 -1.87 12.50 11.40
CA ARG A 151 -2.00 13.93 11.69
C ARG A 151 -2.04 14.81 10.43
N SER A 152 -1.41 14.35 9.35
CA SER A 152 -1.34 15.12 8.11
C SER A 152 -2.40 14.80 7.06
N THR A 153 -3.23 13.79 7.32
CA THR A 153 -4.16 13.31 6.31
C THR A 153 -5.55 13.15 6.91
N ASN A 154 -5.83 13.91 7.95
CA ASN A 154 -7.10 13.82 8.67
CA ASN A 154 -7.10 13.82 8.66
C ASN A 154 -7.41 12.38 9.06
N GLU A 155 -6.45 11.75 9.73
CA GLU A 155 -6.61 10.37 10.20
C GLU A 155 -6.87 9.43 9.03
N GLY A 156 -6.26 9.71 7.89
CA GLY A 156 -6.31 8.78 6.79
C GLY A 156 -7.46 9.01 5.84
N LYS A 157 -8.27 10.05 6.07
CA LYS A 157 -9.37 10.40 5.18
C LYS A 157 -8.96 11.08 3.88
N ASP A 158 -7.76 11.66 3.81
CA ASP A 158 -7.36 12.40 2.61
C ASP A 158 -6.53 11.58 1.61
N ILE A 159 -6.21 10.35 1.99
CA ILE A 159 -5.35 9.51 1.16
C ILE A 159 -5.86 8.08 1.18
N SER A 160 -5.37 7.28 0.25
CA SER A 160 -5.69 5.86 0.32
C SER A 160 -4.49 5.16 0.93
N ILE A 161 -4.73 4.13 1.72
CA ILE A 161 -3.67 3.52 2.53
C ILE A 161 -3.63 2.01 2.25
N TYR A 162 -2.46 1.48 1.92
CA TYR A 162 -2.29 0.05 1.77
C TYR A 162 -1.33 -0.35 2.87
N LEU A 163 -1.86 -0.91 3.96
CA LEU A 163 -1.08 -1.15 5.16
C LEU A 163 -0.71 -2.62 5.22
N LEU A 164 0.59 -2.90 5.10
CA LEU A 164 1.12 -4.27 5.07
C LEU A 164 1.73 -4.65 6.41
N ASP A 165 1.75 -5.94 6.71
CA ASP A 165 2.20 -6.41 8.02
C ASP A 165 3.26 -7.52 7.90
N ASN A 166 4.52 -7.17 8.20
CA ASN A 166 5.60 -8.14 8.14
C ASN A 166 5.43 -9.34 9.06
N ASN A 167 4.53 -9.25 10.04
CA ASN A 167 4.27 -10.42 10.89
C ASN A 167 3.65 -11.56 10.09
N LYS A 168 3.07 -11.25 8.93
CA LYS A 168 2.22 -12.22 8.23
C LYS A 168 2.98 -13.20 7.35
N ARG A 169 4.27 -12.95 7.12
CA ARG A 169 5.12 -13.87 6.33
C ARG A 169 6.51 -13.99 6.93
N GLU A 170 7.17 -15.09 6.65
CA GLU A 170 8.52 -15.33 7.14
C GLU A 170 9.52 -14.27 6.66
N LYS A 171 9.60 -14.07 5.34
CA LYS A 171 10.56 -13.10 4.81
C LYS A 171 9.90 -11.87 4.25
N GLU A 172 10.52 -10.72 4.46
CA GLU A 172 10.05 -9.47 3.87
C GLU A 172 9.85 -9.66 2.37
N SER A 173 10.79 -10.39 1.76
CA SER A 173 10.73 -10.63 0.32
C SER A 173 9.43 -11.31 -0.10
N ASP A 174 8.80 -12.06 0.81
CA ASP A 174 7.52 -12.68 0.50
C ASP A 174 6.36 -11.69 0.59
N ILE A 175 6.46 -10.75 1.52
CA ILE A 175 5.45 -9.70 1.59
C ILE A 175 5.51 -8.90 0.30
N ASN A 176 6.72 -8.57 -0.12
CA ASN A 176 6.96 -7.71 -1.28
C ASN A 176 6.44 -8.34 -2.55
N LYS A 177 6.79 -9.60 -2.77
CA LYS A 177 6.39 -10.30 -3.97
C LYS A 177 4.89 -10.43 -4.02
N GLU A 178 4.30 -10.76 -2.89
CA GLU A 178 2.86 -10.97 -2.86
C GLU A 178 2.11 -9.67 -3.07
N PHE A 179 2.59 -8.58 -2.47
CA PHE A 179 1.92 -7.30 -2.67
C PHE A 179 1.96 -6.90 -4.12
N ALA A 180 3.13 -7.07 -4.73
CA ALA A 180 3.28 -6.71 -6.13
C ALA A 180 2.29 -7.50 -6.96
N THR A 181 2.17 -8.79 -6.68
CA THR A 181 1.24 -9.63 -7.43
C THR A 181 -0.20 -9.18 -7.21
N LEU A 182 -0.57 -8.92 -5.96
CA LEU A 182 -1.95 -8.56 -5.66
C LEU A 182 -2.29 -7.22 -6.30
N PHE A 183 -1.38 -6.27 -6.21
CA PHE A 183 -1.65 -4.96 -6.77
C PHE A 183 -1.76 -4.99 -8.28
N ASN A 184 -0.82 -5.66 -8.93
CA ASN A 184 -0.86 -5.80 -10.36
C ASN A 184 -2.09 -6.60 -10.84
N ASP A 185 -2.47 -7.64 -10.10
CA ASP A 185 -3.69 -8.38 -10.42
C ASP A 185 -4.90 -7.46 -10.31
N PHE A 186 -4.91 -6.65 -9.26
CA PHE A 186 -5.95 -5.64 -9.07
C PHE A 186 -6.06 -4.72 -10.30
N MET A 187 -4.95 -4.15 -10.74
CA MET A 187 -4.94 -3.34 -11.95
C MET A 187 -5.34 -4.09 -13.23
N ASN A 188 -5.22 -5.42 -13.23
CA ASN A 188 -5.59 -6.18 -14.44
C ASN A 188 -7.05 -6.64 -14.53
N MET A 189 -7.90 -6.19 -13.61
CA MET A 189 -9.30 -6.62 -13.60
C MET A 189 -10.07 -6.11 -14.80
N SER A 190 -9.47 -5.18 -15.55
CA SER A 190 -10.12 -4.66 -16.74
C SER A 190 -9.81 -5.45 -18.01
N GLU A 191 -8.88 -6.39 -17.93
CA GLU A 191 -8.52 -7.20 -19.10
CA GLU A 191 -8.52 -7.21 -19.10
C GLU A 191 -9.77 -7.77 -19.76
N SER A 192 -9.95 -7.45 -21.04
CA SER A 192 -11.16 -7.82 -21.78
C SER A 192 -11.62 -9.25 -21.48
N HIS A 193 -12.93 -9.43 -21.46
CA HIS A 193 -13.53 -10.72 -21.14
C HIS A 193 -15.01 -10.71 -21.43
N ALA A 194 -15.58 -11.88 -21.73
CA ALA A 194 -17.01 -12.02 -21.94
C ALA A 194 -17.64 -12.78 -20.77
N GLU A 195 -18.63 -12.16 -20.13
CA GLU A 195 -19.10 -10.86 -20.56
C GLU A 195 -18.69 -9.75 -19.59
N GLY A 196 -19.34 -9.69 -18.43
CA GLY A 196 -19.08 -8.64 -17.47
C GLY A 196 -17.63 -8.45 -17.06
N VAL A 197 -17.21 -7.20 -16.94
CA VAL A 197 -15.85 -6.91 -16.53
C VAL A 197 -15.86 -5.71 -15.61
N VAL A 198 -14.83 -5.58 -14.77
CA VAL A 198 -14.69 -4.40 -13.94
C VAL A 198 -14.02 -3.29 -14.78
N ASP A 199 -14.81 -2.29 -15.17
CA ASP A 199 -14.34 -1.24 -16.08
C ASP A 199 -13.07 -0.55 -15.55
N GLU A 200 -12.33 0.05 -16.48
CA GLU A 200 -11.16 0.84 -16.14
C GLU A 200 -11.53 2.06 -15.28
N ASP A 201 -12.72 2.60 -15.51
CA ASP A 201 -13.20 3.74 -14.72
C ASP A 201 -13.49 3.28 -13.29
N GLU A 202 -13.96 2.05 -13.15
CA GLU A 202 -14.25 1.50 -11.84
C GLU A 202 -12.97 1.20 -11.10
N ILE A 203 -11.97 0.71 -11.83
CA ILE A 203 -10.65 0.46 -11.27
C ILE A 203 -10.09 1.79 -10.78
N SER A 204 -10.25 2.82 -11.60
CA SER A 204 -9.89 4.18 -11.19
C SER A 204 -10.59 4.58 -9.88
N LYS A 205 -11.90 4.39 -9.83
CA LYS A 205 -12.66 4.71 -8.61
C LYS A 205 -12.18 3.95 -7.37
N LEU A 206 -11.80 2.69 -7.55
CA LEU A 206 -11.27 1.92 -6.43
C LEU A 206 -9.91 2.48 -5.99
N LEU A 207 -9.10 2.91 -6.95
CA LEU A 207 -7.80 3.48 -6.72
C LEU A 207 -7.86 4.84 -6.00
N THR A 208 -8.91 5.60 -6.28
CA THR A 208 -8.98 6.95 -5.73
C THR A 208 -9.79 7.02 -4.42
N MET A 209 -10.32 5.88 -3.98
CA MET A 209 -11.08 5.84 -2.74
C MET A 209 -10.13 5.99 -1.55
N LYS A 210 -10.52 6.82 -0.59
CA LYS A 210 -9.64 7.16 0.52
C LYS A 210 -9.80 6.17 1.66
N LYS A 211 -8.87 6.26 2.61
CA LYS A 211 -8.78 5.32 3.71
C LYS A 211 -8.15 4.03 3.21
N SER A 212 -8.52 2.93 3.86
CA SER A 212 -7.75 1.72 3.70
C SER A 212 -8.28 0.78 2.65
N ASN A 213 -7.34 0.25 1.90
CA ASN A 213 -7.66 -0.69 0.85
CA ASN A 213 -7.58 -0.69 0.81
C ASN A 213 -7.03 -2.06 1.19
N VAL A 214 -7.78 -3.13 0.90
CA VAL A 214 -7.26 -4.48 1.11
C VAL A 214 -7.56 -5.32 -0.16
N ILE A 215 -6.58 -6.07 -0.63
CA ILE A 215 -6.75 -6.91 -1.83
C ILE A 215 -6.67 -8.37 -1.41
N LEU A 216 -7.66 -9.17 -1.79
CA LEU A 216 -7.68 -10.59 -1.45
C LEU A 216 -7.80 -11.47 -2.67
N GLU A 217 -7.03 -12.56 -2.70
CA GLU A 217 -7.27 -13.60 -3.68
C GLU A 217 -7.61 -14.93 -2.99
N PHE A 218 -8.56 -15.67 -3.56
CA PHE A 218 -9.04 -16.87 -2.93
C PHE A 218 -9.18 -18.04 -3.88
N ASP A 219 -9.20 -19.23 -3.30
CA ASP A 219 -9.22 -20.47 -4.08
CA ASP A 219 -9.23 -20.49 -4.05
C ASP A 219 -10.55 -20.72 -4.78
N ASP A 220 -10.45 -21.06 -6.06
CA ASP A 220 -11.61 -21.37 -6.88
CA ASP A 220 -11.62 -21.37 -6.87
C ASP A 220 -12.30 -22.64 -6.36
N LYS A 221 -11.60 -23.37 -5.51
CA LYS A 221 -12.06 -24.69 -5.07
C LYS A 221 -13.15 -24.71 -3.99
N GLU A 222 -12.76 -24.50 -2.73
CA GLU A 222 -13.64 -24.73 -1.59
C GLU A 222 -14.81 -23.75 -1.49
N ASP A 223 -15.65 -23.95 -0.47
CA ASP A 223 -16.74 -23.04 -0.18
C ASP A 223 -16.21 -21.60 -0.18
N ILE A 224 -16.96 -20.68 -0.79
CA ILE A 224 -16.46 -19.34 -0.98
C ILE A 224 -16.25 -18.59 0.33
N GLN A 225 -17.11 -18.81 1.32
CA GLN A 225 -16.91 -18.21 2.64
C GLN A 225 -15.64 -18.74 3.32
N VAL A 226 -15.40 -20.05 3.18
CA VAL A 226 -14.20 -20.66 3.76
C VAL A 226 -12.93 -20.16 3.06
N ALA A 227 -12.97 -20.09 1.74
CA ALA A 227 -11.80 -19.65 0.98
C ALA A 227 -11.42 -18.20 1.31
N LEU A 228 -12.41 -17.35 1.52
CA LEU A 228 -12.13 -15.94 1.80
C LEU A 228 -11.64 -15.77 3.23
N ALA A 229 -12.14 -16.62 4.12
CA ALA A 229 -11.70 -16.60 5.49
C ALA A 229 -10.23 -16.98 5.58
N LYS A 230 -9.83 -18.01 4.86
CA LYS A 230 -8.42 -18.38 4.76
C LYS A 230 -7.62 -17.21 4.20
N SER A 231 -8.14 -16.61 3.13
CA SER A 231 -7.49 -15.49 2.49
C SER A 231 -7.26 -14.31 3.46
N LEU A 232 -8.28 -13.95 4.23
CA LEU A 232 -8.13 -12.90 5.23
C LEU A 232 -7.15 -13.29 6.34
N LYS A 233 -7.30 -14.48 6.87
CA LYS A 233 -6.38 -14.90 7.93
C LYS A 233 -4.92 -14.84 7.48
N GLU A 234 -4.67 -15.25 6.24
CA GLU A 234 -3.32 -15.31 5.71
C GLU A 234 -2.89 -14.00 5.05
N SER A 235 -3.77 -13.00 5.09
CA SER A 235 -3.56 -11.77 4.32
C SER A 235 -2.27 -11.03 4.71
N ILE A 236 -1.55 -10.52 3.71
CA ILE A 236 -0.35 -9.74 3.98
C ILE A 236 -0.69 -8.33 4.46
N PHE A 237 -1.94 -7.91 4.27
CA PHE A 237 -2.43 -6.63 4.79
C PHE A 237 -2.72 -6.67 6.27
N ALA A 238 -2.46 -5.55 6.95
CA ALA A 238 -2.74 -5.44 8.37
C ALA A 238 -4.20 -5.76 8.66
N GLU A 239 -4.43 -6.55 9.69
CA GLU A 239 -5.79 -6.94 10.04
C GLU A 239 -6.72 -5.76 10.35
N TYR A 240 -7.94 -5.82 9.82
CA TYR A 240 -8.95 -4.81 10.16
C TYR A 240 -10.10 -5.44 10.92
N THR A 241 -10.68 -4.68 11.86
CA THR A 241 -11.71 -5.22 12.75
C THR A 241 -13.11 -4.73 12.43
N THR A 242 -13.22 -3.77 11.52
CA THR A 242 -14.54 -3.26 11.14
C THR A 242 -15.17 -4.19 10.11
N ASN A 243 -16.43 -3.91 9.78
CA ASN A 243 -17.21 -4.75 8.86
C ASN A 243 -17.83 -4.01 7.68
N THR A 244 -17.36 -2.79 7.43
CA THR A 244 -17.86 -2.03 6.29
C THR A 244 -16.71 -1.54 5.44
N CYS A 245 -16.95 -1.45 4.14
CA CYS A 245 -16.05 -0.73 3.27
C CYS A 245 -16.87 0.20 2.39
N GLU A 246 -16.20 0.92 1.51
CA GLU A 246 -16.89 1.91 0.69
C GLU A 246 -17.20 1.32 -0.69
N PHE A 247 -16.17 1.11 -1.51
CA PHE A 247 -16.36 0.45 -2.80
C PHE A 247 -15.67 -0.90 -2.77
N MET A 248 -16.34 -1.92 -3.32
CA MET A 248 -15.74 -3.24 -3.43
C MET A 248 -15.66 -3.67 -4.89
N GLY A 249 -14.51 -4.23 -5.28
CA GLY A 249 -14.35 -4.76 -6.61
C GLY A 249 -14.23 -6.26 -6.58
N ILE A 250 -14.97 -6.94 -7.43
CA ILE A 250 -15.00 -8.39 -7.44
C ILE A 250 -14.78 -8.92 -8.86
N SER A 251 -13.69 -9.65 -9.07
CA SER A 251 -13.47 -10.32 -10.35
C SER A 251 -13.17 -11.81 -10.13
N THR A 252 -14.02 -12.67 -10.69
CA THR A 252 -13.97 -14.09 -10.40
C THR A 252 -14.07 -14.94 -11.66
N THR A 253 -13.48 -16.14 -11.61
CA THR A 253 -13.47 -17.04 -12.76
C THR A 253 -14.85 -17.60 -13.07
N ARG A 254 -15.69 -17.74 -12.05
CA ARG A 254 -17.05 -18.24 -12.24
C ARG A 254 -18.07 -17.28 -11.61
N VAL A 255 -19.35 -17.57 -11.80
CA VAL A 255 -20.40 -16.87 -11.07
C VAL A 255 -20.20 -17.17 -9.60
N VAL A 256 -20.30 -16.15 -8.76
CA VAL A 256 -20.20 -16.35 -7.32
C VAL A 256 -21.34 -15.67 -6.59
N ASP A 257 -21.51 -16.02 -5.33
CA ASP A 257 -22.51 -15.42 -4.48
C ASP A 257 -21.92 -14.17 -3.84
N VAL A 258 -22.26 -13.00 -4.38
CA VAL A 258 -21.68 -11.76 -3.92
C VAL A 258 -22.08 -11.41 -2.49
N GLU A 259 -23.23 -11.89 -2.05
CA GLU A 259 -23.67 -11.63 -0.69
C GLU A 259 -22.81 -12.38 0.34
N ALA A 260 -22.29 -13.54 -0.06
CA ALA A 260 -21.42 -14.31 0.83
C ALA A 260 -20.03 -13.69 0.95
N ILE A 261 -19.57 -13.03 -0.10
CA ILE A 261 -18.27 -12.37 -0.06
C ILE A 261 -18.36 -11.17 0.88
N LYS A 262 -19.42 -10.39 0.75
CA LYS A 262 -19.65 -9.24 1.61
C LYS A 262 -19.75 -9.72 3.06
N SER A 263 -20.29 -10.92 3.23
CA SER A 263 -20.47 -11.48 4.55
C SER A 263 -19.11 -11.67 5.25
N ILE A 264 -18.11 -12.06 4.48
CA ILE A 264 -16.81 -12.32 5.08
C ILE A 264 -15.91 -11.08 5.05
N VAL A 265 -16.00 -10.31 3.98
CA VAL A 265 -15.02 -9.25 3.75
C VAL A 265 -15.43 -7.89 4.32
N GLY A 266 -16.71 -7.60 4.31
CA GLY A 266 -17.19 -6.28 4.69
C GLY A 266 -18.32 -5.87 3.76
N TYR A 267 -19.24 -5.06 4.27
CA TYR A 267 -20.38 -4.61 3.49
C TYR A 267 -20.10 -3.26 2.82
N PRO A 268 -20.05 -3.25 1.48
CA PRO A 268 -19.74 -2.00 0.76
C PRO A 268 -21.00 -1.20 0.49
N ARG A 269 -20.87 0.08 0.16
CA ARG A 269 -22.05 0.83 -0.24
C ARG A 269 -22.18 0.77 -1.76
N ARG A 270 -21.13 0.28 -2.41
CA ARG A 270 -21.16 0.11 -3.85
C ARG A 270 -20.21 -0.98 -4.32
N THR A 271 -20.69 -1.80 -5.25
CA THR A 271 -19.91 -2.91 -5.77
C THR A 271 -19.78 -2.83 -7.29
N PHE A 272 -18.58 -3.13 -7.80
CA PHE A 272 -18.38 -3.35 -9.22
C PHE A 272 -17.99 -4.82 -9.37
N LYS A 273 -18.76 -5.57 -10.15
CA LYS A 273 -18.48 -6.98 -10.35
C LYS A 273 -18.09 -7.29 -11.79
N GLY A 274 -17.23 -8.29 -11.95
CA GLY A 274 -16.80 -8.71 -13.27
C GLY A 274 -16.22 -10.10 -13.24
N TYR A 275 -15.70 -10.53 -14.39
CA TYR A 275 -15.09 -11.85 -14.52
C TYR A 275 -13.72 -11.75 -15.15
N ASN A 276 -12.90 -12.78 -14.94
CA ASN A 276 -11.65 -12.92 -15.66
C ASN A 276 -11.33 -14.39 -15.79
N SER A 277 -10.31 -14.70 -16.57
CA SER A 277 -10.02 -16.08 -16.93
C SER A 277 -9.05 -16.74 -15.94
N LYS A 278 -8.48 -15.93 -15.05
CA LYS A 278 -7.32 -16.37 -14.28
C LYS A 278 -7.50 -16.53 -12.76
N LYS A 279 -7.92 -15.47 -12.08
CA LYS A 279 -7.92 -15.48 -10.62
C LYS A 279 -9.23 -15.04 -10.00
N ASN A 280 -9.37 -15.26 -8.70
CA ASN A 280 -10.52 -14.76 -7.96
C ASN A 280 -10.06 -13.70 -6.99
N ILE A 281 -10.49 -12.48 -7.23
CA ILE A 281 -9.94 -11.37 -6.50
C ILE A 281 -11.01 -10.41 -5.99
N VAL A 282 -10.87 -10.03 -4.73
CA VAL A 282 -11.71 -9.02 -4.12
C VAL A 282 -10.84 -7.83 -3.70
N VAL A 283 -11.27 -6.64 -4.09
CA VAL A 283 -10.63 -5.43 -3.62
C VAL A 283 -11.63 -4.65 -2.79
N ALA A 284 -11.29 -4.43 -1.52
CA ALA A 284 -12.14 -3.68 -0.61
C ALA A 284 -11.48 -2.35 -0.28
N THR A 285 -12.17 -1.24 -0.53
CA THR A 285 -11.59 0.09 -0.34
C THR A 285 -12.43 0.93 0.61
N GLY A 286 -11.82 1.90 1.25
CA GLY A 286 -12.54 2.76 2.18
C GLY A 286 -12.73 2.14 3.55
N ILE A 287 -11.93 1.13 3.86
CA ILE A 287 -11.99 0.50 5.17
C ILE A 287 -11.40 1.43 6.22
N GLU A 288 -12.02 1.51 7.39
CA GLU A 288 -11.41 2.31 8.45
C GLU A 288 -9.96 1.87 8.63
N PRO A 289 -9.03 2.84 8.68
CA PRO A 289 -7.60 2.57 8.89
C PRO A 289 -7.34 1.71 10.14
N GLN A 290 -6.42 0.75 10.02
CA GLN A 290 -6.26 -0.32 11.02
C GLN A 290 -5.53 0.13 12.31
N LYS A 291 -6.15 1.08 13.02
CA LYS A 291 -5.59 1.62 14.25
C LYS A 291 -5.25 0.56 15.31
N THR A 292 -6.18 -0.36 15.54
CA THR A 292 -5.98 -1.45 16.50
C THR A 292 -4.73 -2.27 16.20
N THR A 293 -4.56 -2.72 14.96
CA THR A 293 -3.38 -3.51 14.63
C THR A 293 -2.12 -2.69 14.84
N VAL A 294 -2.15 -1.42 14.45
CA VAL A 294 -0.97 -0.57 14.59
C VAL A 294 -0.66 -0.34 16.05
N GLN A 295 -1.70 -0.11 16.86
CA GLN A 295 -1.50 0.21 18.26
C GLN A 295 -0.91 -0.94 19.06
N MET A 296 -0.99 -2.16 18.53
CA MET A 296 -0.39 -3.31 19.21
C MET A 296 1.11 -3.10 19.38
N MET A 297 1.72 -2.38 18.44
CA MET A 297 3.14 -2.11 18.53
C MET A 297 3.51 -1.44 19.86
N ASN A 298 2.58 -0.68 20.43
CA ASN A 298 2.80 -0.08 21.74
C ASN A 298 3.01 -1.13 22.82
N GLU A 299 2.26 -2.22 22.73
CA GLU A 299 2.43 -3.32 23.68
C GLU A 299 3.79 -3.98 23.52
N ILE A 300 4.30 -4.05 22.29
CA ILE A 300 5.61 -4.61 22.04
C ILE A 300 6.68 -3.72 22.66
N ILE A 301 6.53 -2.42 22.45
CA ILE A 301 7.47 -1.44 22.98
C ILE A 301 7.52 -1.51 24.51
N GLU A 302 6.35 -1.54 25.14
CA GLU A 302 6.26 -1.67 26.59
C GLU A 302 7.03 -2.89 27.09
N ASP A 303 6.80 -4.03 26.45
CA ASP A 303 7.40 -5.29 26.89
C ASP A 303 8.91 -5.34 26.67
N LYS A 304 9.37 -4.76 25.57
CA LYS A 304 10.81 -4.71 25.29
C LYS A 304 11.52 -3.70 26.18
N MET A 305 10.79 -2.69 26.63
CA MET A 305 11.32 -1.70 27.57
C MET A 305 11.43 -2.29 28.96
N LYS A 306 10.46 -3.13 29.30
CA LYS A 306 10.48 -3.86 30.57
C LYS A 306 11.78 -4.64 30.65
N GLN A 307 12.12 -5.33 29.57
CA GLN A 307 13.37 -6.08 29.48
C GLN A 307 14.62 -5.24 29.77
N ARG A 308 14.50 -3.91 29.70
CA ARG A 308 15.66 -3.04 29.88
C ARG A 308 15.60 -2.22 31.17
#